data_4S3G
#
_entry.id   4S3G
#
_cell.length_a   60.050
_cell.length_b   60.050
_cell.length_c   191.330
_cell.angle_alpha   90.00
_cell.angle_beta   90.00
_cell.angle_gamma   90.00
#
_symmetry.space_group_name_H-M   'P 43 21 2'
#
loop_
_entity.id
_entity.type
_entity.pdbx_description
1 polymer '1-phosphatidylinositol phosphodiesterase'
2 non-polymer 1,2,3,4,5,6-HEXAHYDROXY-CYCLOHEXANE
3 non-polymer 'ACETATE ION'
4 water water
#
_entity_poly.entity_id   1
_entity_poly.type   'polypeptide(L)'
_entity_poly.pdbx_seq_one_letter_code
;SDSLSKSPENWMSKLDDGKHLTEINIPGSHDSGSFTLKDPVKSVWAKTQDKDYLTQMKSGVRFFDIRGRASADNMISVHH
GMVYLHHELGKFLDDAKYYLSAYPNETIVMSMKKDYDSDSKVTKTFEEIFREYYYNNPQYQNLFYTGSNANPTLKETKGK
IVLFNRMGGTYIKSGYGADTSGIQWADNATFETKINNGSLNLKVQDEYKDYYDKKVEAVKNLLAKAKTDSNKDNVYVNFL
SVASGGSA(PF5)NSTYNYASHINPEIAKTIKANGKARTGWLIVDYAGYTWPGYDDIVSEIIDSNK
;
_entity_poly.pdbx_strand_id   A
#
loop_
_chem_comp.id
_chem_comp.type
_chem_comp.name
_chem_comp.formula
ACT non-polymer 'ACETATE ION' 'C2 H3 O2 -1'
INS non-polymer 1,2,3,4,5,6-HEXAHYDROXY-CYCLOHEXANE 'C6 H12 O6'
#
# COMPACT_ATOMS: atom_id res chain seq x y z
N ASP A 2 -1.26 -4.86 -27.01
CA ASP A 2 -1.58 -3.59 -26.36
C ASP A 2 -1.26 -3.64 -24.86
N SER A 3 -0.35 -2.76 -24.41
CA SER A 3 0.18 -2.77 -23.05
C SER A 3 -0.90 -2.65 -21.96
N LEU A 4 -0.62 -3.20 -20.77
CA LEU A 4 -1.58 -3.21 -19.66
C LEU A 4 -1.88 -1.82 -19.13
N SER A 5 -0.85 -0.97 -19.14
CA SER A 5 -0.97 0.44 -18.79
C SER A 5 -2.23 1.07 -19.31
N LYS A 6 -2.47 0.92 -20.60
CA LYS A 6 -3.59 1.59 -21.27
C LYS A 6 -4.94 1.17 -20.69
N SER A 7 -4.97 0.09 -19.93
CA SER A 7 -6.20 -0.29 -19.23
C SER A 7 -5.93 -0.56 -17.75
N PRO A 8 -5.74 0.51 -16.97
CA PRO A 8 -5.36 0.29 -15.57
C PRO A 8 -6.55 0.16 -14.65
N GLU A 9 -7.74 0.19 -15.19
CA GLU A 9 -8.92 0.03 -14.35
C GLU A 9 -9.08 -1.45 -13.99
N ASN A 10 -8.35 -2.30 -14.70
CA ASN A 10 -8.46 -3.74 -14.46
C ASN A 10 -7.35 -4.56 -15.12
N TRP A 11 -6.12 -4.19 -14.85
CA TRP A 11 -4.99 -4.97 -15.35
C TRP A 11 -4.87 -6.36 -14.67
N MET A 12 -5.34 -6.50 -13.42
CA MET A 12 -5.24 -7.78 -12.74
C MET A 12 -6.15 -8.85 -13.34
N SER A 13 -7.24 -8.39 -13.97
CA SER A 13 -8.17 -9.30 -14.63
C SER A 13 -7.47 -9.97 -15.81
N LYS A 14 -6.46 -9.27 -16.34
CA LYS A 14 -5.66 -9.76 -17.46
C LYS A 14 -4.52 -10.69 -17.06
N LEU A 15 -4.51 -11.15 -15.82
CA LEU A 15 -3.38 -11.94 -15.35
C LEU A 15 -3.79 -13.35 -15.06
N ASP A 16 -2.82 -14.25 -15.17
CA ASP A 16 -3.05 -15.66 -14.87
C ASP A 16 -3.49 -15.82 -13.41
N ASP A 17 -4.75 -16.23 -13.24
CA ASP A 17 -5.39 -16.44 -11.93
C ASP A 17 -4.54 -17.10 -10.85
N GLY A 18 -3.64 -18.00 -11.25
CA GLY A 18 -2.96 -18.85 -10.30
C GLY A 18 -1.74 -18.23 -9.65
N LYS A 19 -1.39 -17.02 -10.09
CA LYS A 19 -0.28 -16.33 -9.46
C LYS A 19 -0.61 -15.83 -8.04
N HIS A 20 0.34 -16.04 -7.12
CA HIS A 20 0.24 -15.51 -5.76
C HIS A 20 0.43 -14.00 -5.78
N LEU A 21 -0.40 -13.28 -5.02
CA LEU A 21 -0.34 -11.81 -4.96
C LEU A 21 1.10 -11.35 -4.74
N THR A 22 1.80 -12.10 -3.92
CA THR A 22 3.22 -11.99 -3.74
C THR A 22 4.01 -11.86 -5.05
N GLU A 23 3.66 -12.68 -6.03
CA GLU A 23 4.36 -12.70 -7.31
C GLU A 23 4.02 -11.51 -8.20
N ILE A 24 2.82 -10.97 -8.03
CA ILE A 24 2.34 -9.90 -8.90
C ILE A 24 3.05 -8.62 -8.53
N ASN A 25 3.53 -7.91 -9.54
CA ASN A 25 4.10 -6.60 -9.28
C ASN A 25 2.99 -5.61 -9.08
N ILE A 26 2.83 -5.14 -7.83
CA ILE A 26 1.72 -4.24 -7.53
C ILE A 26 2.14 -2.80 -7.27
N PRO A 27 1.38 -1.87 -7.87
CA PRO A 27 1.51 -0.43 -7.53
C PRO A 27 0.81 -0.10 -6.21
N GLY A 28 1.51 0.54 -5.28
CA GLY A 28 0.89 0.96 -4.04
C GLY A 28 1.04 2.46 -3.82
N SER A 29 0.08 3.03 -3.10
CA SER A 29 0.19 4.43 -2.69
C SER A 29 0.51 4.60 -1.20
N HIS A 30 1.63 5.24 -0.91
CA HIS A 30 1.97 5.61 0.45
C HIS A 30 1.01 6.66 1.08
N ASP A 31 0.63 6.47 2.36
CA ASP A 31 -0.38 7.29 3.04
C ASP A 31 -1.59 7.64 2.15
N SER A 32 -2.33 6.60 1.77
CA SER A 32 -3.22 6.63 0.62
C SER A 32 -4.29 7.74 0.66
N GLY A 33 -4.71 8.14 1.85
CA GLY A 33 -5.82 9.05 1.96
C GLY A 33 -5.46 10.51 2.22
N SER A 34 -4.19 10.87 2.12
CA SER A 34 -3.79 12.23 2.43
C SER A 34 -4.22 13.22 1.33
N PHE A 35 -4.99 12.74 0.34
CA PHE A 35 -5.40 13.59 -0.78
C PHE A 35 -6.32 14.74 -0.36
N THR A 36 -7.03 14.57 0.75
CA THR A 36 -7.94 15.57 1.28
C THR A 36 -7.28 16.84 1.86
N LEU A 37 -5.96 16.83 2.04
CA LEU A 37 -5.26 17.99 2.63
C LEU A 37 -5.14 19.20 1.69
N LYS A 38 -5.56 20.37 2.16
CA LYS A 38 -5.46 21.57 1.34
C LYS A 38 -4.42 22.53 1.88
N ASP A 39 -4.25 22.53 3.20
CA ASP A 39 -3.35 23.47 3.88
C ASP A 39 -1.94 23.42 3.31
N PRO A 40 -1.45 24.57 2.82
CA PRO A 40 -0.18 24.66 2.10
C PRO A 40 1.05 24.23 2.91
N VAL A 41 1.06 24.54 4.20
CA VAL A 41 2.18 24.20 5.07
C VAL A 41 2.09 22.75 5.55
N LYS A 42 0.92 22.34 6.01
CA LYS A 42 0.67 20.92 6.32
C LYS A 42 0.96 20.02 5.11
N SER A 43 0.73 20.54 3.90
CA SER A 43 0.82 19.68 2.72
C SER A 43 2.25 19.30 2.35
N VAL A 44 3.23 20.12 2.73
CA VAL A 44 4.59 19.82 2.33
C VAL A 44 5.10 18.54 3.03
N TRP A 45 4.50 18.18 4.17
CA TRP A 45 5.03 17.06 4.92
C TRP A 45 3.98 15.99 5.20
N ALA A 46 2.72 16.39 5.28
CA ALA A 46 1.68 15.46 5.68
C ALA A 46 0.85 15.00 4.49
N LYS A 47 1.10 15.58 3.33
CA LYS A 47 0.31 15.25 2.14
C LYS A 47 1.11 14.40 1.17
N THR A 48 0.54 13.30 0.70
CA THR A 48 1.33 12.37 -0.06
C THR A 48 0.66 11.93 -1.34
N GLN A 49 -0.60 12.34 -1.51
CA GLN A 49 -1.38 12.04 -2.73
C GLN A 49 -2.26 13.21 -3.16
N ASP A 50 -2.62 13.28 -4.43
CA ASP A 50 -3.57 14.30 -4.84
C ASP A 50 -4.85 13.69 -5.38
N LYS A 51 -4.84 12.38 -5.63
CA LYS A 51 -6.00 11.65 -6.13
C LYS A 51 -6.76 10.93 -5.03
N ASP A 52 -8.09 10.97 -5.07
CA ASP A 52 -8.87 10.26 -4.07
C ASP A 52 -8.78 8.75 -4.31
N TYR A 53 -9.48 7.98 -3.49
CA TYR A 53 -9.34 6.54 -3.46
C TYR A 53 -9.76 5.90 -4.77
N LEU A 54 -11.00 6.20 -5.17
CA LEU A 54 -11.58 5.63 -6.38
C LEU A 54 -10.74 5.94 -7.61
N THR A 55 -10.18 7.14 -7.68
CA THR A 55 -9.32 7.53 -8.80
C THR A 55 -8.00 6.78 -8.74
N GLN A 56 -7.48 6.62 -7.53
CA GLN A 56 -6.25 5.85 -7.37
C GLN A 56 -6.48 4.47 -7.94
N MET A 57 -7.63 3.89 -7.62
CA MET A 57 -7.94 2.56 -8.10
C MET A 57 -8.06 2.61 -9.63
N LYS A 58 -8.84 3.57 -10.15
CA LYS A 58 -9.00 3.73 -11.60
C LYS A 58 -7.65 3.82 -12.31
N SER A 59 -6.64 4.35 -11.61
CA SER A 59 -5.30 4.52 -12.18
C SER A 59 -4.46 3.27 -11.97
N GLY A 60 -5.05 2.29 -11.32
CA GLY A 60 -4.42 0.98 -11.24
C GLY A 60 -3.71 0.61 -9.96
N VAL A 61 -3.82 1.43 -8.92
CA VAL A 61 -3.12 1.11 -7.69
C VAL A 61 -3.96 0.10 -6.91
N ARG A 62 -3.29 -0.89 -6.36
CA ARG A 62 -3.99 -1.95 -5.64
C ARG A 62 -3.50 -2.14 -4.20
N PHE A 63 -2.34 -1.57 -3.86
CA PHE A 63 -1.89 -1.58 -2.45
C PHE A 63 -2.15 -0.22 -1.83
N PHE A 64 -3.02 -0.20 -0.83
CA PHE A 64 -3.36 1.04 -0.13
C PHE A 64 -2.84 1.07 1.30
N ASP A 65 -2.01 2.07 1.56
CA ASP A 65 -1.38 2.19 2.86
C ASP A 65 -2.27 3.05 3.76
N ILE A 66 -3.13 2.41 4.54
CA ILE A 66 -4.05 3.20 5.37
C ILE A 66 -3.57 3.30 6.83
N ARG A 67 -3.44 4.54 7.31
CA ARG A 67 -2.99 4.84 8.67
C ARG A 67 -4.13 5.46 9.44
N GLY A 68 -4.31 5.04 10.68
CA GLY A 68 -5.52 5.37 11.39
C GLY A 68 -5.38 5.68 12.85
N ARG A 69 -6.47 6.21 13.38
CA ARG A 69 -6.53 6.66 14.75
C ARG A 69 -7.94 6.37 15.26
N ALA A 70 -8.05 5.72 16.42
CA ALA A 70 -9.37 5.51 17.00
C ALA A 70 -9.91 6.82 17.55
N SER A 71 -11.02 7.27 16.97
CA SER A 71 -11.71 8.50 17.37
C SER A 71 -12.83 8.21 18.35
N ALA A 72 -13.43 7.04 18.19
CA ALA A 72 -14.50 6.57 19.06
C ALA A 72 -14.48 5.04 19.09
N ASP A 73 -15.11 4.44 20.10
CA ASP A 73 -15.12 2.98 20.24
C ASP A 73 -15.64 2.22 19.01
N ASN A 74 -16.02 2.95 17.97
CA ASN A 74 -16.50 2.31 16.77
C ASN A 74 -16.03 3.01 15.49
N MET A 75 -15.09 3.95 15.61
CA MET A 75 -14.64 4.62 14.40
C MET A 75 -13.12 4.90 14.38
N ILE A 76 -12.53 4.55 13.23
CA ILE A 76 -11.13 4.77 12.97
C ILE A 76 -10.96 5.91 11.95
N SER A 77 -10.34 7.00 12.38
CA SER A 77 -10.04 8.13 11.50
C SER A 77 -8.79 7.89 10.67
N VAL A 78 -8.81 8.28 9.41
CA VAL A 78 -7.60 8.17 8.60
C VAL A 78 -6.67 9.33 8.94
N HIS A 79 -5.38 9.03 9.00
CA HIS A 79 -4.38 9.96 9.54
C HIS A 79 -3.02 9.89 8.84
N HIS A 80 -2.33 11.01 8.80
CA HIS A 80 -0.90 11.02 8.60
C HIS A 80 -0.35 11.53 9.93
N GLY A 81 -0.11 10.61 10.87
CA GLY A 81 0.39 10.98 12.16
C GLY A 81 -0.64 11.74 12.96
N MET A 82 -0.24 12.85 13.60
CA MET A 82 -1.18 13.66 14.38
C MET A 82 -2.25 14.31 13.49
N VAL A 83 -1.97 14.40 12.19
CA VAL A 83 -2.83 15.09 11.23
C VAL A 83 -4.00 14.25 10.75
N TYR A 84 -5.19 14.72 11.09
CA TYR A 84 -6.44 14.12 10.63
C TYR A 84 -6.65 14.42 9.14
N LEU A 85 -6.92 13.38 8.36
CA LEU A 85 -7.11 13.52 6.91
C LEU A 85 -8.61 13.59 6.49
N HIS A 86 -9.46 14.00 7.43
CA HIS A 86 -10.85 14.44 7.18
C HIS A 86 -11.85 13.36 6.70
N HIS A 87 -11.61 12.09 7.01
CA HIS A 87 -12.58 11.02 6.74
C HIS A 87 -12.27 9.77 7.56
N GLU A 88 -13.29 8.96 7.83
CA GLU A 88 -13.07 7.71 8.57
C GLU A 88 -12.71 6.60 7.61
N LEU A 89 -12.36 5.45 8.17
CA LEU A 89 -11.98 4.29 7.37
C LEU A 89 -13.15 3.86 6.47
N GLY A 90 -14.37 4.08 6.95
CA GLY A 90 -15.55 3.75 6.17
C GLY A 90 -15.46 4.33 4.78
N LYS A 91 -15.00 5.57 4.67
CA LYS A 91 -14.90 6.21 3.36
C LYS A 91 -14.05 5.36 2.42
N PHE A 92 -12.99 4.75 2.93
CA PHE A 92 -12.14 3.96 2.05
C PHE A 92 -12.76 2.63 1.68
N LEU A 93 -13.31 1.94 2.68
CA LEU A 93 -13.87 0.63 2.47
C LEU A 93 -15.10 0.70 1.56
N ASP A 94 -15.95 1.71 1.75
CA ASP A 94 -17.08 1.88 0.88
C ASP A 94 -16.58 2.17 -0.54
N ASP A 95 -15.51 2.94 -0.65
CA ASP A 95 -14.93 3.17 -1.96
C ASP A 95 -14.36 1.88 -2.55
N ALA A 96 -13.80 1.02 -1.71
CA ALA A 96 -13.22 -0.23 -2.20
C ALA A 96 -14.31 -1.19 -2.70
N LYS A 97 -15.38 -1.31 -1.91
CA LYS A 97 -16.55 -2.15 -2.23
C LYS A 97 -17.10 -1.81 -3.62
N TYR A 98 -17.45 -0.54 -3.82
CA TYR A 98 -17.96 -0.07 -5.10
C TYR A 98 -17.04 -0.51 -6.25
N TYR A 99 -15.76 -0.17 -6.15
CA TYR A 99 -14.81 -0.44 -7.24
C TYR A 99 -14.71 -1.93 -7.51
N LEU A 100 -14.64 -2.72 -6.44
CA LEU A 100 -14.42 -4.16 -6.56
C LEU A 100 -15.58 -4.87 -7.25
N SER A 101 -16.79 -4.35 -7.09
CA SER A 101 -17.97 -4.86 -7.79
C SER A 101 -17.90 -4.50 -9.27
N ALA A 102 -17.62 -3.23 -9.54
CA ALA A 102 -17.48 -2.76 -10.92
C ALA A 102 -16.31 -3.41 -11.67
N TYR A 103 -15.36 -3.97 -10.94
CA TYR A 103 -14.20 -4.64 -11.53
C TYR A 103 -13.85 -5.88 -10.70
N PRO A 104 -14.72 -6.91 -10.76
CA PRO A 104 -14.76 -8.07 -9.87
C PRO A 104 -13.56 -8.97 -10.00
N ASN A 105 -12.68 -8.66 -10.94
CA ASN A 105 -11.49 -9.48 -11.16
C ASN A 105 -10.20 -8.81 -10.69
N GLU A 106 -10.34 -7.80 -9.84
CA GLU A 106 -9.19 -7.18 -9.22
C GLU A 106 -9.15 -7.62 -7.77
N THR A 107 -7.99 -7.48 -7.17
CA THR A 107 -7.89 -7.63 -5.74
C THR A 107 -7.16 -6.42 -5.16
N ILE A 108 -7.55 -6.05 -3.94
CA ILE A 108 -6.91 -4.95 -3.22
C ILE A 108 -6.24 -5.44 -1.94
N VAL A 109 -4.96 -5.13 -1.79
CA VAL A 109 -4.32 -5.31 -0.50
C VAL A 109 -4.33 -3.98 0.27
N MET A 110 -4.86 -4.05 1.49
CA MET A 110 -4.99 -2.90 2.37
C MET A 110 -4.11 -3.05 3.63
N SER A 111 -3.10 -2.18 3.72
CA SER A 111 -2.25 -2.12 4.90
C SER A 111 -3.00 -1.32 5.96
N MET A 112 -2.96 -1.79 7.20
CA MET A 112 -3.65 -1.11 8.28
C MET A 112 -2.69 -0.83 9.44
N LYS A 113 -2.59 0.42 9.85
CA LYS A 113 -1.61 0.81 10.86
C LYS A 113 -2.15 1.86 11.82
N LYS A 114 -1.82 1.73 13.10
CA LYS A 114 -2.08 2.79 14.08
C LYS A 114 -1.01 3.87 13.94
N ASP A 115 -1.43 5.10 13.65
CA ASP A 115 -0.49 6.18 13.34
C ASP A 115 -0.48 7.24 14.45
N TYR A 116 -1.42 7.11 15.37
CA TYR A 116 -1.63 8.15 16.38
C TYR A 116 -2.50 7.66 17.53
N ASP A 117 -2.34 8.28 18.69
CA ASP A 117 -3.03 7.85 19.88
C ASP A 117 -4.52 8.06 19.83
N SER A 118 -5.27 7.12 20.44
CA SER A 118 -6.72 7.19 20.49
C SER A 118 -7.20 8.37 21.33
N ASP A 119 -8.39 8.85 20.99
CA ASP A 119 -9.09 9.87 21.76
C ASP A 119 -9.24 9.44 23.24
N SER A 120 -9.35 10.41 24.16
CA SER A 120 -9.45 10.13 25.61
C SER A 120 -10.65 9.27 25.95
N LYS A 121 -11.67 9.37 25.11
CA LYS A 121 -12.95 8.77 25.37
C LYS A 121 -13.02 7.36 24.82
N VAL A 122 -11.88 6.81 24.42
CA VAL A 122 -11.87 5.48 23.78
C VAL A 122 -11.58 4.39 24.81
N THR A 123 -12.36 3.31 24.72
CA THR A 123 -12.36 2.20 25.68
C THR A 123 -11.49 1.05 25.20
N LYS A 124 -11.57 0.80 23.90
CA LYS A 124 -11.04 -0.40 23.31
C LYS A 124 -9.69 -0.13 22.67
N THR A 125 -9.03 -1.19 22.21
CA THR A 125 -7.79 -1.04 21.47
C THR A 125 -8.08 -0.70 20.03
N PHE A 126 -7.09 -0.15 19.35
CA PHE A 126 -7.18 0.03 17.92
C PHE A 126 -7.50 -1.29 17.20
N GLU A 127 -6.81 -2.37 17.60
CA GLU A 127 -6.96 -3.65 16.90
C GLU A 127 -8.35 -4.18 17.09
N GLU A 128 -8.86 -4.06 18.31
CA GLU A 128 -10.21 -4.51 18.59
C GLU A 128 -11.24 -3.72 17.79
N ILE A 129 -11.09 -2.41 17.77
CA ILE A 129 -12.02 -1.56 17.04
C ILE A 129 -12.00 -1.90 15.54
N PHE A 130 -10.82 -2.15 14.99
CA PHE A 130 -10.73 -2.47 13.58
C PHE A 130 -11.33 -3.84 13.32
N ARG A 131 -10.87 -4.82 14.09
CA ARG A 131 -11.29 -6.19 13.91
C ARG A 131 -12.80 -6.29 14.08
N GLU A 132 -13.33 -5.72 15.15
CA GLU A 132 -14.72 -5.98 15.48
C GLU A 132 -15.73 -4.99 14.89
N TYR A 133 -15.29 -3.80 14.47
CA TYR A 133 -16.24 -2.90 13.80
C TYR A 133 -15.96 -2.69 12.31
N TYR A 134 -14.96 -3.34 11.76
CA TYR A 134 -14.72 -3.17 10.34
C TYR A 134 -14.46 -4.49 9.66
N TYR A 135 -13.52 -5.28 10.19
CA TYR A 135 -13.06 -6.46 9.49
C TYR A 135 -14.18 -7.47 9.39
N ASN A 136 -15.00 -7.49 10.44
CA ASN A 136 -16.13 -8.40 10.46
C ASN A 136 -17.35 -7.63 10.95
N ASN A 137 -17.53 -6.47 10.33
CA ASN A 137 -18.77 -5.74 10.41
C ASN A 137 -19.63 -6.25 9.26
N PRO A 138 -20.91 -6.56 9.54
CA PRO A 138 -21.85 -7.15 8.58
C PRO A 138 -21.83 -6.43 7.24
N GLN A 139 -21.86 -5.09 7.27
CA GLN A 139 -21.84 -4.25 6.07
C GLN A 139 -20.71 -4.60 5.08
N TYR A 140 -19.68 -5.31 5.52
CA TYR A 140 -18.58 -5.68 4.62
C TYR A 140 -18.35 -7.18 4.59
N GLN A 141 -19.36 -7.97 4.94
CA GLN A 141 -19.23 -9.40 4.70
C GLN A 141 -19.05 -9.56 3.20
N ASN A 142 -18.30 -10.59 2.79
CA ASN A 142 -17.97 -10.82 1.38
C ASN A 142 -16.88 -9.88 0.87
N LEU A 143 -16.55 -8.84 1.62
CA LEU A 143 -15.56 -7.86 1.14
C LEU A 143 -14.11 -8.26 1.42
N PHE A 144 -13.81 -8.60 2.68
CA PHE A 144 -12.46 -9.02 3.06
C PHE A 144 -12.19 -10.47 2.72
N TYR A 145 -10.94 -10.79 2.46
CA TYR A 145 -10.50 -12.18 2.37
C TYR A 145 -10.63 -12.81 3.72
N THR A 146 -11.19 -14.02 3.75
CA THR A 146 -11.37 -14.71 5.03
C THR A 146 -10.80 -16.13 4.97
N GLY A 147 -9.99 -16.40 3.96
CA GLY A 147 -9.41 -17.72 3.82
C GLY A 147 -8.41 -18.05 4.88
N SER A 148 -7.67 -19.13 4.66
CA SER A 148 -6.73 -19.58 5.64
C SER A 148 -5.42 -19.83 4.93
N ASN A 149 -5.31 -19.26 3.74
CA ASN A 149 -4.06 -19.40 3.03
C ASN A 149 -3.17 -18.19 3.31
N ALA A 150 -1.93 -18.44 3.69
CA ALA A 150 -0.98 -17.37 4.00
C ALA A 150 -0.45 -16.72 2.73
N ASN A 151 -0.40 -17.49 1.66
CA ASN A 151 0.10 -16.98 0.40
C ASN A 151 -1.00 -17.04 -0.65
N PRO A 152 -2.01 -16.16 -0.54
CA PRO A 152 -3.19 -16.29 -1.40
C PRO A 152 -2.89 -16.12 -2.88
N THR A 153 -3.65 -16.86 -3.68
CA THR A 153 -3.54 -16.75 -5.11
C THR A 153 -4.45 -15.63 -5.57
N LEU A 154 -4.15 -15.07 -6.74
CA LEU A 154 -4.99 -14.00 -7.28
C LEU A 154 -6.46 -14.46 -7.35
N LYS A 155 -6.66 -15.65 -7.89
CA LYS A 155 -7.96 -16.32 -7.98
C LYS A 155 -8.72 -16.30 -6.64
N GLU A 156 -8.00 -16.60 -5.56
CA GLU A 156 -8.58 -16.64 -4.22
C GLU A 156 -9.07 -15.30 -3.71
N THR A 157 -8.50 -14.21 -4.23
CA THR A 157 -8.74 -12.91 -3.64
C THR A 157 -9.52 -11.95 -4.54
N LYS A 158 -9.67 -12.33 -5.82
CA LYS A 158 -10.56 -11.67 -6.79
C LYS A 158 -11.82 -11.10 -6.12
N GLY A 159 -11.99 -9.78 -6.23
CA GLY A 159 -13.17 -9.13 -5.66
C GLY A 159 -13.08 -8.86 -4.17
N LYS A 160 -11.94 -9.18 -3.56
CA LYS A 160 -11.76 -8.97 -2.13
C LYS A 160 -10.58 -8.03 -1.76
N ILE A 161 -10.67 -7.51 -0.55
CA ILE A 161 -9.58 -6.81 0.13
C ILE A 161 -8.67 -7.79 0.92
N VAL A 162 -7.38 -7.80 0.67
CA VAL A 162 -6.51 -8.62 1.52
C VAL A 162 -5.89 -7.77 2.64
N LEU A 163 -6.14 -8.15 3.89
CA LEU A 163 -5.53 -7.46 5.02
C LEU A 163 -4.00 -7.63 5.02
N PHE A 164 -3.31 -6.50 5.14
CA PHE A 164 -1.88 -6.46 5.36
C PHE A 164 -1.74 -5.88 6.76
N ASN A 165 -1.32 -6.69 7.72
CA ASN A 165 -1.46 -6.31 9.14
C ASN A 165 -0.28 -5.58 9.78
N ARG A 166 -0.44 -4.27 9.94
CA ARG A 166 0.60 -3.45 10.52
C ARG A 166 0.17 -2.91 11.88
N MET A 167 -0.71 -3.63 12.57
CA MET A 167 -1.27 -3.17 13.82
C MET A 167 -0.61 -3.75 15.05
N GLY A 168 0.37 -4.61 14.86
CA GLY A 168 0.86 -5.41 15.95
C GLY A 168 0.14 -6.73 15.84
N GLY A 169 0.02 -7.43 16.96
CA GLY A 169 -0.64 -8.71 16.98
C GLY A 169 -2.14 -8.54 16.83
N THR A 170 -2.78 -9.58 16.30
CA THR A 170 -4.18 -9.48 15.97
C THR A 170 -4.86 -10.82 16.02
N TYR A 171 -6.18 -10.83 16.24
CA TYR A 171 -6.92 -12.08 16.25
C TYR A 171 -7.55 -12.35 14.90
N ILE A 172 -7.36 -11.45 13.95
CA ILE A 172 -7.80 -11.71 12.60
C ILE A 172 -6.95 -12.84 12.03
N LYS A 173 -7.58 -13.82 11.40
CA LYS A 173 -6.86 -15.04 11.05
C LYS A 173 -6.55 -15.15 9.57
N SER A 174 -6.88 -14.11 8.82
CA SER A 174 -6.59 -14.08 7.37
C SER A 174 -5.90 -12.77 6.98
N GLY A 175 -4.83 -12.89 6.22
CA GLY A 175 -4.13 -11.74 5.67
C GLY A 175 -2.64 -11.90 5.94
N TYR A 176 -1.81 -11.01 5.42
CA TYR A 176 -0.38 -11.05 5.73
C TYR A 176 -0.13 -10.51 7.14
N GLY A 177 0.54 -11.31 7.96
CA GLY A 177 0.82 -10.93 9.33
C GLY A 177 -0.39 -10.98 10.23
N ALA A 178 -1.40 -11.74 9.81
CA ALA A 178 -2.63 -11.86 10.57
C ALA A 178 -2.57 -12.93 11.66
N ASP A 179 -1.77 -12.67 12.69
CA ASP A 179 -1.66 -13.59 13.83
C ASP A 179 -1.31 -12.77 15.07
N THR A 180 -1.03 -13.45 16.17
CA THR A 180 -0.83 -12.73 17.41
C THR A 180 0.58 -12.14 17.55
N SER A 181 1.38 -12.25 16.49
CA SER A 181 2.74 -11.71 16.46
C SER A 181 2.79 -10.48 15.61
N GLY A 182 1.89 -10.43 14.63
CA GLY A 182 1.91 -9.42 13.58
C GLY A 182 3.20 -9.39 12.77
N ILE A 183 3.60 -8.19 12.38
CA ILE A 183 4.84 -8.00 11.62
C ILE A 183 5.88 -7.21 12.41
N GLN A 184 7.13 -7.65 12.35
CA GLN A 184 8.22 -6.98 13.06
C GLN A 184 8.80 -5.91 12.18
N TRP A 185 8.36 -4.68 12.39
CA TRP A 185 8.73 -3.60 11.49
C TRP A 185 9.97 -2.88 12.02
N ALA A 186 11.05 -2.84 11.23
CA ALA A 186 12.24 -2.07 11.62
C ALA A 186 12.11 -0.59 11.19
N ASP A 187 12.31 0.34 12.12
CA ASP A 187 12.28 1.80 11.86
C ASP A 187 13.37 2.29 10.91
N ASN A 188 12.95 3.06 9.91
CA ASN A 188 13.86 3.69 8.93
C ASN A 188 14.96 2.74 8.43
N ALA A 189 14.58 1.63 7.77
CA ALA A 189 15.54 0.59 7.41
C ALA A 189 15.16 -0.23 6.18
N THR A 190 16.12 -1.03 5.72
CA THR A 190 15.86 -2.15 4.81
C THR A 190 16.00 -3.41 5.64
N PHE A 191 14.95 -4.21 5.74
CA PHE A 191 14.97 -5.38 6.58
C PHE A 191 14.19 -6.57 6.05
N GLU A 192 14.38 -7.73 6.68
CA GLU A 192 13.60 -8.94 6.42
C GLU A 192 13.03 -9.45 7.72
N THR A 193 11.85 -10.06 7.67
CA THR A 193 11.29 -10.66 8.86
C THR A 193 10.28 -11.70 8.41
N LYS A 194 10.23 -12.81 9.13
CA LYS A 194 9.31 -13.88 8.77
C LYS A 194 7.93 -13.54 9.34
N ILE A 195 6.90 -13.68 8.52
CA ILE A 195 5.55 -13.35 8.93
C ILE A 195 4.65 -14.54 8.65
N ASN A 196 3.44 -14.50 9.20
CA ASN A 196 2.50 -15.61 9.09
C ASN A 196 3.12 -16.92 9.50
N ASN A 197 3.60 -17.00 10.73
CA ASN A 197 4.11 -18.25 11.26
C ASN A 197 5.31 -18.82 10.52
N GLY A 198 6.13 -17.96 9.93
CA GLY A 198 7.28 -18.43 9.17
C GLY A 198 7.01 -18.82 7.73
N SER A 199 5.74 -18.90 7.35
CA SER A 199 5.37 -19.35 5.99
C SER A 199 5.67 -18.32 4.91
N LEU A 200 5.99 -17.10 5.35
CA LEU A 200 6.32 -16.00 4.44
C LEU A 200 7.51 -15.21 4.95
N ASN A 201 8.43 -14.90 4.04
CA ASN A 201 9.53 -14.01 4.35
C ASN A 201 9.32 -12.62 3.73
N LEU A 202 8.91 -11.66 4.55
CA LEU A 202 8.64 -10.29 4.10
C LEU A 202 9.93 -9.53 3.92
N LYS A 203 10.09 -8.80 2.83
CA LYS A 203 11.28 -8.00 2.66
C LYS A 203 10.89 -6.57 2.36
N VAL A 204 11.36 -5.64 3.19
CA VAL A 204 10.95 -4.25 3.13
C VAL A 204 12.12 -3.25 2.93
N GLN A 205 12.00 -2.34 1.96
CA GLN A 205 12.82 -1.13 2.01
C GLN A 205 11.93 0.03 2.48
N ASP A 206 12.15 0.49 3.70
CA ASP A 206 11.37 1.59 4.26
C ASP A 206 12.28 2.59 4.96
N GLU A 207 13.33 2.99 4.24
CA GLU A 207 14.25 3.99 4.72
C GLU A 207 13.70 5.39 4.46
N TYR A 208 12.71 5.79 5.26
CA TYR A 208 12.00 7.03 5.01
C TYR A 208 12.75 8.29 5.45
N LYS A 209 13.75 8.13 6.33
CA LYS A 209 14.55 9.29 6.72
C LYS A 209 15.68 9.57 5.73
N ASP A 210 15.82 8.74 4.71
CA ASP A 210 16.92 8.91 3.77
C ASP A 210 16.89 10.26 3.02
N TYR A 211 18.07 10.71 2.60
CA TYR A 211 18.15 11.78 1.61
C TYR A 211 18.11 11.15 0.22
N TYR A 212 18.14 12.02 -0.79
CA TYR A 212 17.74 11.62 -2.14
C TYR A 212 18.59 10.48 -2.66
N ASP A 213 19.91 10.64 -2.61
CA ASP A 213 20.81 9.62 -3.15
C ASP A 213 20.60 8.29 -2.51
N LYS A 214 20.54 8.31 -1.17
CA LYS A 214 20.38 7.10 -0.41
C LYS A 214 19.05 6.45 -0.76
N LYS A 215 17.98 7.23 -0.76
CA LYS A 215 16.67 6.65 -1.01
C LYS A 215 16.63 5.92 -2.34
N VAL A 216 17.12 6.60 -3.38
CA VAL A 216 17.09 6.00 -4.71
C VAL A 216 17.91 4.72 -4.72
N GLU A 217 19.03 4.73 -4.00
CA GLU A 217 19.90 3.57 -3.94
C GLU A 217 19.21 2.41 -3.21
N ALA A 218 18.63 2.68 -2.05
CA ALA A 218 17.88 1.68 -1.30
C ALA A 218 16.70 1.12 -2.12
N VAL A 219 15.95 1.99 -2.80
CA VAL A 219 14.85 1.54 -3.67
C VAL A 219 15.36 0.55 -4.71
N LYS A 220 16.39 0.96 -5.44
CA LYS A 220 17.00 0.18 -6.52
C LYS A 220 17.73 -1.10 -6.04
N ASN A 221 18.31 -1.06 -4.83
CA ASN A 221 18.98 -2.24 -4.30
C ASN A 221 17.96 -3.35 -4.07
N LEU A 222 16.83 -2.99 -3.47
CA LEU A 222 15.81 -3.98 -3.16
C LEU A 222 15.14 -4.40 -4.44
N LEU A 223 15.01 -3.44 -5.36
CA LEU A 223 14.42 -3.69 -6.67
C LEU A 223 15.20 -4.76 -7.46
N ALA A 224 16.52 -4.64 -7.42
CA ALA A 224 17.41 -5.59 -8.06
C ALA A 224 17.32 -6.99 -7.44
N LYS A 225 17.15 -7.06 -6.12
CA LYS A 225 17.01 -8.36 -5.48
C LYS A 225 15.74 -9.08 -5.96
N ALA A 226 14.66 -8.32 -6.15
CA ALA A 226 13.40 -8.89 -6.61
C ALA A 226 13.52 -9.43 -8.04
N LYS A 227 14.35 -8.77 -8.83
CA LYS A 227 14.64 -9.12 -10.22
C LYS A 227 15.11 -10.57 -10.36
N THR A 228 15.85 -11.02 -9.35
CA THR A 228 16.44 -12.36 -9.29
C THR A 228 15.55 -13.41 -8.62
N ASP A 229 14.82 -12.97 -7.62
CA ASP A 229 14.07 -13.84 -6.72
C ASP A 229 12.80 -14.44 -7.33
N SER A 230 12.82 -15.75 -7.58
CA SER A 230 11.67 -16.45 -8.14
C SER A 230 10.79 -17.00 -7.03
N ASN A 231 11.12 -16.67 -5.80
CA ASN A 231 10.48 -17.31 -4.67
C ASN A 231 9.10 -16.73 -4.31
N LYS A 232 8.05 -17.54 -4.45
CA LYS A 232 6.70 -17.08 -4.15
C LYS A 232 6.49 -16.85 -2.66
N ASP A 233 7.46 -17.27 -1.86
CA ASP A 233 7.30 -17.18 -0.42
C ASP A 233 7.99 -15.93 0.15
N ASN A 234 8.67 -15.20 -0.72
CA ASN A 234 9.19 -13.87 -0.42
C ASN A 234 8.20 -12.76 -0.81
N VAL A 235 7.92 -11.83 0.11
CA VAL A 235 7.18 -10.62 -0.26
C VAL A 235 8.12 -9.42 -0.36
N TYR A 236 7.89 -8.59 -1.39
CA TYR A 236 8.69 -7.39 -1.54
C TYR A 236 7.82 -6.16 -1.46
N VAL A 237 8.11 -5.31 -0.47
CA VAL A 237 7.45 -4.03 -0.33
C VAL A 237 8.50 -2.96 -0.17
N ASN A 238 8.69 -2.11 -1.17
CA ASN A 238 9.49 -0.91 -0.89
C ASN A 238 8.84 0.38 -1.28
N PHE A 239 8.98 1.30 -0.33
CA PHE A 239 8.43 2.60 -0.43
C PHE A 239 9.41 3.45 -1.18
N LEU A 240 8.94 4.05 -2.26
CA LEU A 240 9.72 5.04 -2.98
C LEU A 240 9.62 6.34 -2.18
N SER A 241 8.60 6.41 -1.34
CA SER A 241 8.27 7.62 -0.59
C SER A 241 9.30 7.92 0.48
N VAL A 242 9.39 9.18 0.84
CA VAL A 242 10.38 9.67 1.77
C VAL A 242 9.76 10.78 2.61
N ALA A 243 10.12 10.83 3.88
CA ALA A 243 9.65 11.89 4.77
C ALA A 243 10.25 13.19 4.32
N SER A 244 9.42 14.21 4.16
CA SER A 244 9.90 15.50 3.68
C SER A 244 10.88 16.15 4.65
N GLY A 245 11.26 17.38 4.35
CA GLY A 245 11.92 18.20 5.35
C GLY A 245 10.92 19.26 5.76
N GLY A 246 11.37 20.26 6.52
CA GLY A 246 10.56 21.44 6.75
C GLY A 246 10.50 22.19 5.44
N SER A 247 10.39 23.52 5.50
CA SER A 247 10.66 24.35 4.32
C SER A 247 9.74 24.30 3.12
N ALA A 248 9.44 23.11 2.62
CA ALA A 248 8.92 22.92 1.26
C ALA A 248 10.02 23.27 0.30
N PF5 A 249 10.60 22.24 -0.27
CA PF5 A 249 11.72 22.36 -1.16
CB PF5 A 249 13.03 23.11 -0.72
CG PF5 A 249 14.24 22.65 -1.49
CD1 PF5 A 249 15.07 21.65 -0.94
FD1 PF5 A 249 14.79 21.15 0.26
CD2 PF5 A 249 14.62 23.13 -2.77
FD2 PF5 A 249 13.93 24.08 -3.43
CE1 PF5 A 249 16.21 21.14 -1.59
FE1 PF5 A 249 16.91 20.18 -0.97
CE2 PF5 A 249 15.77 22.63 -3.44
FE2 PF5 A 249 16.05 23.14 -4.65
CZ PF5 A 249 16.58 21.62 -2.86
FZ PF5 A 249 17.68 21.14 -3.48
C PF5 A 249 12.05 20.97 -1.71
O PF5 A 249 12.03 20.86 -2.94
N ASN A 250 12.30 19.89 -0.93
CA ASN A 250 12.08 19.50 0.49
C ASN A 250 10.72 18.86 0.73
N SER A 251 9.68 19.30 0.01
CA SER A 251 8.37 18.69 0.22
C SER A 251 8.33 17.28 -0.35
N THR A 252 7.45 16.50 0.25
CA THR A 252 7.08 15.18 -0.21
C THR A 252 6.93 15.07 -1.76
N TYR A 253 6.28 16.05 -2.36
CA TYR A 253 6.02 16.05 -3.79
C TYR A 253 7.27 16.30 -4.59
N ASN A 254 8.09 17.23 -4.12
CA ASN A 254 9.34 17.49 -4.79
C ASN A 254 10.26 16.26 -4.82
N TYR A 255 10.18 15.41 -3.79
CA TYR A 255 10.87 14.12 -3.82
C TYR A 255 10.23 13.17 -4.82
N ALA A 256 8.91 12.99 -4.70
CA ALA A 256 8.21 12.02 -5.53
C ALA A 256 8.30 12.42 -7.00
N SER A 257 8.30 13.72 -7.23
CA SER A 257 8.38 14.27 -8.56
C SER A 257 9.62 13.84 -9.33
N HIS A 258 10.62 13.34 -8.62
CA HIS A 258 11.89 12.95 -9.21
C HIS A 258 12.24 11.49 -8.92
N ILE A 259 11.91 11.02 -7.72
CA ILE A 259 12.17 9.63 -7.40
C ILE A 259 11.33 8.71 -8.31
N ASN A 260 10.03 9.01 -8.38
CA ASN A 260 9.12 8.22 -9.20
C ASN A 260 9.56 8.09 -10.65
N PRO A 261 9.88 9.20 -11.35
CA PRO A 261 10.35 9.03 -12.72
C PRO A 261 11.63 8.23 -12.83
N GLU A 262 12.56 8.49 -11.91
CA GLU A 262 13.85 7.80 -11.91
C GLU A 262 13.69 6.30 -11.75
N ILE A 263 12.83 5.88 -10.83
CA ILE A 263 12.64 4.45 -10.64
C ILE A 263 11.83 3.89 -11.80
N ALA A 264 11.01 4.77 -12.40
CA ALA A 264 10.17 4.40 -13.54
C ALA A 264 11.01 4.05 -14.76
N LYS A 265 12.05 4.85 -15.03
CA LYS A 265 12.94 4.60 -16.16
C LYS A 265 13.68 3.29 -15.99
N THR A 266 14.11 3.00 -14.76
CA THR A 266 14.83 1.78 -14.46
C THR A 266 14.00 0.56 -14.80
N ILE A 267 12.78 0.55 -14.30
CA ILE A 267 11.88 -0.59 -14.43
C ILE A 267 11.58 -0.92 -15.88
N LYS A 268 11.34 0.11 -16.68
CA LYS A 268 11.02 -0.08 -18.09
C LYS A 268 12.26 -0.65 -18.80
N ALA A 269 13.43 -0.06 -18.55
CA ALA A 269 14.70 -0.56 -19.10
C ALA A 269 14.92 -2.06 -18.83
N ASN A 270 14.56 -2.48 -17.61
CA ASN A 270 14.70 -3.87 -17.14
C ASN A 270 13.75 -4.86 -17.80
N GLY A 271 13.03 -4.40 -18.80
CA GLY A 271 12.01 -5.23 -19.41
C GLY A 271 10.98 -5.72 -18.41
N LYS A 272 10.28 -6.77 -18.80
CA LYS A 272 9.32 -7.45 -17.94
C LYS A 272 10.10 -8.34 -16.95
N ALA A 273 9.91 -8.11 -15.65
CA ALA A 273 10.72 -8.72 -14.59
C ALA A 273 10.00 -8.54 -13.26
N ARG A 274 10.42 -9.24 -12.20
CA ARG A 274 9.74 -9.08 -10.92
C ARG A 274 10.25 -7.87 -10.12
N THR A 275 9.32 -7.10 -9.57
CA THR A 275 9.66 -5.85 -8.90
C THR A 275 9.26 -5.86 -7.42
N GLY A 276 8.27 -6.68 -7.08
CA GLY A 276 7.68 -6.68 -5.76
C GLY A 276 6.56 -5.67 -5.74
N TRP A 277 6.11 -5.30 -4.54
CA TRP A 277 5.09 -4.28 -4.41
C TRP A 277 5.78 -2.94 -4.16
N LEU A 278 5.58 -1.95 -5.04
CA LEU A 278 6.23 -0.65 -4.81
C LEU A 278 5.24 0.40 -4.34
N ILE A 279 5.56 1.06 -3.24
CA ILE A 279 4.62 1.99 -2.61
C ILE A 279 5.07 3.42 -2.83
N VAL A 280 4.27 4.22 -3.56
CA VAL A 280 4.72 5.55 -4.01
C VAL A 280 3.87 6.73 -3.50
N ASP A 281 4.50 7.91 -3.44
CA ASP A 281 3.78 9.14 -3.18
C ASP A 281 3.27 9.66 -4.52
N TYR A 282 2.16 10.39 -4.47
CA TYR A 282 1.56 11.03 -5.64
C TYR A 282 1.44 10.09 -6.85
N ALA A 283 0.88 8.91 -6.59
CA ALA A 283 0.53 7.96 -7.62
C ALA A 283 -0.45 8.60 -8.58
N GLY A 284 -0.32 8.27 -9.86
CA GLY A 284 -1.24 8.78 -10.86
C GLY A 284 -0.87 10.17 -11.31
N TYR A 285 0.11 10.76 -10.64
CA TYR A 285 0.60 12.09 -11.01
C TYR A 285 1.60 11.99 -12.14
N THR A 286 1.32 12.70 -13.23
CA THR A 286 2.17 12.57 -14.42
C THR A 286 2.94 13.86 -14.68
N TRP A 287 4.18 13.69 -15.11
CA TRP A 287 5.03 14.80 -15.55
C TRP A 287 5.50 14.47 -16.97
N PRO A 288 5.01 15.23 -17.98
CA PRO A 288 5.32 15.02 -19.40
C PRO A 288 6.83 14.95 -19.67
N GLY A 289 7.24 13.87 -20.34
CA GLY A 289 8.65 13.64 -20.63
C GLY A 289 9.27 12.52 -19.81
N TYR A 290 8.73 12.31 -18.62
CA TYR A 290 9.24 11.28 -17.70
C TYR A 290 8.24 10.14 -17.63
N ASP A 291 8.74 8.94 -17.34
CA ASP A 291 7.87 7.79 -17.30
C ASP A 291 6.98 7.79 -16.05
N ASP A 292 5.84 7.11 -16.12
CA ASP A 292 4.92 6.99 -15.01
C ASP A 292 5.21 5.75 -14.17
N ILE A 293 5.45 5.95 -12.87
CA ILE A 293 5.91 4.83 -12.03
C ILE A 293 4.80 3.78 -11.93
N VAL A 294 3.55 4.21 -11.74
CA VAL A 294 2.44 3.27 -11.69
C VAL A 294 2.23 2.50 -13.00
N SER A 295 2.57 3.11 -14.12
CA SER A 295 2.40 2.44 -15.41
C SER A 295 3.47 1.43 -15.65
N GLU A 296 4.70 1.76 -15.28
CA GLU A 296 5.79 0.86 -15.59
C GLU A 296 5.74 -0.31 -14.59
N ILE A 297 5.24 -0.04 -13.39
CA ILE A 297 5.01 -1.13 -12.45
C ILE A 297 3.96 -2.05 -13.05
N ILE A 298 2.85 -1.48 -13.50
CA ILE A 298 1.80 -2.28 -14.10
C ILE A 298 2.36 -3.05 -15.31
N ASP A 299 3.15 -2.38 -16.16
CA ASP A 299 3.60 -3.03 -17.40
C ASP A 299 4.66 -4.11 -17.21
N SER A 300 5.25 -4.24 -16.02
CA SER A 300 6.33 -5.20 -15.85
C SER A 300 5.81 -6.62 -15.54
N ASN A 301 4.55 -6.76 -15.13
CA ASN A 301 3.85 -8.06 -15.09
C ASN A 301 3.62 -8.65 -16.50
N LYS A 302 3.85 -9.96 -16.69
CA LYS A 302 3.44 -10.62 -17.93
C LYS A 302 1.93 -10.43 -18.10
C1 INS B . 6.10 5.16 9.44
C2 INS B . 6.04 4.12 8.31
C3 INS B . 6.87 4.57 7.11
C4 INS B . 6.24 5.78 6.48
C5 INS B . 6.09 6.97 7.47
C6 INS B . 6.30 6.63 8.98
O1 INS B . 7.03 4.83 10.49
O2 INS B . 6.40 2.79 8.67
O3 INS B . 6.82 3.59 6.09
O4 INS B . 6.86 5.95 5.19
O5 INS B . 6.81 8.14 7.09
O6 INS B . 7.55 7.09 9.48
C ACT C . 4.74 -0.78 12.44
O ACT C . 5.17 0.20 11.77
OXT ACT C . 4.32 -1.78 11.79
CH3 ACT C . 4.75 -0.72 13.95
#